data_4CYN
#
_entry.id   4CYN
#
_cell.length_a   47.668
_cell.length_b   91.638
_cell.length_c   53.163
_cell.angle_alpha   90.00
_cell.angle_beta   111.82
_cell.angle_gamma   90.00
#
_symmetry.space_group_name_H-M   'P 1 21 1'
#
loop_
_entity.id
_entity.type
_entity.pdbx_description
1 polymer 'GLYCYLPEPTIDE N-TETRADECANOYLTRANSFERASE'
2 non-polymer 'MAGNESIUM ION'
3 non-polymer (3R)-3-amino-4-(4-chlorophenyl)-1-[(3R,4S)-3-(4-chlorophenyl)-4-(hydroxymethyl)pyrrolidin-1-yl]butan-1-one
4 non-polymer TETRADECANOYL-COA
5 water water
#
_entity_poly.entity_id   1
_entity_poly.type   'polypeptide(L)'
_entity_poly.pdbx_seq_one_letter_code
;AHAFWSTQPVPQTEDETEKIVFAGPMDEPKTVADIPEEPYPIASTFEWWTPNMEAADDIHAIYELLRDNYVEDDDSMFRF
NYSEEFLQWALCPPNYIPDWHVAVRRKADKKLLAFIAGVPVTLRMGTPKYMKVKAQEKGEGEEAAKYDEPRHICEINFLC
VHKQLREKRLAPILIKEATRRVNRTNVWQAVYTAGVLLPTPYASGQYFHRSLNPEKLVEIRFSGIPAQYQKFQNPMAMLK
RNYQLPSAPKNSGLREMKPSDVPQVRRILMNYLDSFDVGPVFSDAEISHYLLPRDGVVFTYVVENDKKVTDFFSFYRIPS
TVIGNSNYNLLNAAYVHYYAATSIPLHQLILDLLIVAHSRGFDVCNMVEILDNRSFVEQLKFGAGDGHLRYYFYNWAYPK
IKPSQVALVML
;
_entity_poly.pdbx_strand_id   A
#
# COMPACT_ATOMS: atom_id res chain seq x y z
N ALA A 1 17.96 -15.09 -16.45
CA ALA A 1 16.67 -15.26 -15.75
C ALA A 1 15.93 -13.91 -15.75
N HIS A 2 16.59 -12.79 -15.39
CA HIS A 2 15.82 -11.51 -15.42
C HIS A 2 16.51 -10.47 -16.31
N ALA A 3 16.14 -10.39 -17.60
CA ALA A 3 16.85 -9.53 -18.60
C ALA A 3 16.77 -8.06 -18.27
N PHE A 4 15.74 -7.63 -17.52
CA PHE A 4 15.71 -6.21 -17.06
C PHE A 4 16.22 -6.06 -15.67
N TRP A 5 15.72 -6.82 -14.69
CA TRP A 5 16.08 -6.64 -13.31
C TRP A 5 17.56 -6.89 -12.98
N SER A 6 18.16 -7.74 -13.82
CA SER A 6 19.62 -7.95 -13.69
C SER A 6 20.48 -6.71 -14.04
N THR A 7 19.90 -5.74 -14.71
CA THR A 7 20.64 -4.52 -15.15
C THR A 7 20.46 -3.35 -14.15
N GLN A 8 19.61 -3.59 -13.13
CA GLN A 8 19.20 -2.48 -12.23
C GLN A 8 19.89 -2.54 -10.87
N PRO A 9 19.99 -1.37 -10.18
CA PRO A 9 20.63 -1.32 -8.91
C PRO A 9 19.82 -1.84 -7.72
N VAL A 10 19.65 -3.16 -7.64
CA VAL A 10 18.91 -3.81 -6.59
C VAL A 10 19.64 -5.09 -6.26
N PRO A 11 19.49 -5.56 -5.05
CA PRO A 11 20.13 -6.91 -4.67
C PRO A 11 19.58 -8.01 -5.58
N GLN A 12 20.50 -8.84 -6.10
CA GLN A 12 20.14 -9.81 -7.14
C GLN A 12 19.68 -11.19 -6.60
N THR A 13 20.06 -11.55 -5.37
CA THR A 13 19.63 -12.85 -4.86
C THR A 13 19.46 -12.76 -3.38
N GLU A 14 18.82 -13.76 -2.77
CA GLU A 14 18.79 -13.85 -1.32
C GLU A 14 20.17 -13.95 -0.69
N ASP A 15 21.08 -14.66 -1.35
CA ASP A 15 22.49 -14.73 -0.92
C ASP A 15 23.13 -13.39 -0.75
N GLU A 16 22.98 -12.52 -1.75
CA GLU A 16 23.50 -11.16 -1.74
C GLU A 16 22.85 -10.35 -0.60
N THR A 17 21.52 -10.45 -0.50
CA THR A 17 20.75 -9.86 0.61
C THR A 17 21.25 -10.27 1.99
N GLU A 18 21.58 -11.56 2.13
CA GLU A 18 22.05 -12.06 3.41
CA GLU A 18 22.14 -12.18 3.34
C GLU A 18 23.37 -11.40 3.86
N LYS A 19 24.21 -10.96 2.92
CA LYS A 19 25.51 -10.31 3.19
CA LYS A 19 25.49 -10.31 3.25
C LYS A 19 25.38 -8.81 3.55
N ILE A 20 24.18 -8.25 3.41
CA ILE A 20 23.97 -6.83 3.66
C ILE A 20 23.78 -6.57 5.14
N VAL A 21 24.58 -5.63 5.66
CA VAL A 21 24.57 -5.48 7.10
C VAL A 21 24.27 -3.96 7.37
N PHE A 22 24.53 -3.04 6.42
CA PHE A 22 24.14 -1.65 6.70
C PHE A 22 23.21 -1.11 5.64
N ALA A 23 22.35 -0.19 6.03
CA ALA A 23 21.53 0.56 4.98
C ALA A 23 22.44 1.49 4.17
N GLY A 24 22.27 1.63 2.88
CA GLY A 24 22.98 2.61 2.09
C GLY A 24 22.74 2.37 0.59
N PRO A 25 23.19 3.24 -0.30
CA PRO A 25 22.95 3.09 -1.74
C PRO A 25 23.61 1.91 -2.41
N MET A 26 23.01 1.33 -3.43
CA MET A 26 23.66 0.22 -4.18
C MET A 26 24.70 0.81 -5.09
N ASP A 27 24.32 1.90 -5.78
CA ASP A 27 25.12 2.53 -6.79
C ASP A 27 25.92 3.79 -6.63
N GLU A 28 26.63 4.10 -7.71
CA GLU A 28 27.50 5.27 -7.74
C GLU A 28 26.75 6.58 -7.37
N PRO A 29 27.25 7.34 -6.41
CA PRO A 29 26.67 8.72 -6.26
C PRO A 29 26.60 9.44 -7.65
N LYS A 30 25.45 9.92 -8.11
CA LYS A 30 25.39 10.70 -9.40
CA LYS A 30 25.39 10.67 -9.43
C LYS A 30 24.73 12.06 -9.22
N THR A 31 24.70 12.96 -10.23
CA THR A 31 24.10 14.34 -10.11
C THR A 31 22.98 14.50 -11.12
N VAL A 32 22.10 15.48 -10.93
CA VAL A 32 21.07 15.79 -11.95
C VAL A 32 21.72 16.08 -13.33
N ALA A 33 22.87 16.77 -13.31
CA ALA A 33 23.49 17.12 -14.60
C ALA A 33 23.96 15.87 -15.37
N ASP A 34 24.17 14.75 -14.70
CA ASP A 34 24.55 13.47 -15.36
C ASP A 34 23.38 12.75 -16.09
N ILE A 35 22.12 13.21 -15.81
CA ILE A 35 20.92 12.51 -16.28
C ILE A 35 20.44 13.18 -17.57
N PRO A 36 20.23 12.34 -18.66
CA PRO A 36 19.69 12.70 -19.94
C PRO A 36 18.46 13.67 -19.73
N GLU A 37 18.53 14.81 -20.36
CA GLU A 37 17.41 15.74 -20.30
CA GLU A 37 17.47 15.82 -20.46
C GLU A 37 16.25 15.32 -21.25
N GLU A 38 16.60 14.53 -22.27
CA GLU A 38 15.75 14.02 -23.39
CA GLU A 38 15.58 14.12 -23.20
C GLU A 38 14.98 12.81 -22.75
N PRO A 39 13.66 12.66 -23.00
CA PRO A 39 13.03 11.46 -22.55
C PRO A 39 13.72 10.20 -23.08
N TYR A 40 13.48 9.11 -22.38
CA TYR A 40 13.96 7.81 -22.86
C TYR A 40 13.38 7.54 -24.25
N PRO A 41 14.23 7.00 -25.15
CA PRO A 41 13.65 6.67 -26.46
C PRO A 41 12.44 5.66 -26.43
N ILE A 42 11.49 5.91 -27.31
CA ILE A 42 10.34 5.02 -27.40
C ILE A 42 9.98 4.91 -28.90
N ALA A 43 9.31 3.81 -29.22
CA ALA A 43 8.89 3.50 -30.60
C ALA A 43 8.25 4.69 -31.25
N SER A 44 8.60 4.93 -32.51
CA SER A 44 8.08 6.11 -33.20
C SER A 44 6.51 6.20 -33.29
N THR A 45 5.80 5.09 -33.07
CA THR A 45 4.35 5.14 -33.04
C THR A 45 3.70 5.36 -31.63
N PHE A 46 4.53 5.41 -30.60
CA PHE A 46 4.05 5.74 -29.25
C PHE A 46 4.56 7.11 -28.84
N GLU A 47 4.00 7.65 -27.72
CA GLU A 47 4.50 8.91 -27.18
C GLU A 47 4.31 8.88 -25.66
N TRP A 48 5.20 9.56 -24.96
CA TRP A 48 5.04 9.80 -23.54
C TRP A 48 3.94 10.85 -23.36
N TRP A 49 3.20 10.71 -22.26
CA TRP A 49 2.09 11.68 -21.92
C TRP A 49 2.11 11.86 -20.40
N THR A 50 2.08 13.10 -19.94
CA THR A 50 2.00 13.36 -18.50
C THR A 50 0.54 13.80 -18.18
N PRO A 51 -0.28 12.92 -17.60
CA PRO A 51 -1.68 13.35 -17.26
C PRO A 51 -1.63 14.34 -16.12
N ASN A 52 -2.59 15.24 -16.09
CA ASN A 52 -2.84 16.05 -14.93
C ASN A 52 -3.84 15.34 -14.01
N MET A 53 -3.31 14.74 -12.90
CA MET A 53 -4.18 13.96 -11.98
C MET A 53 -4.97 14.76 -10.99
N GLU A 54 -5.03 16.09 -11.21
CA GLU A 54 -6.05 16.91 -10.58
C GLU A 54 -7.16 17.33 -11.51
N ALA A 55 -7.05 17.00 -12.84
CA ALA A 55 -8.05 17.38 -13.86
C ALA A 55 -8.94 16.21 -14.10
N ALA A 56 -10.25 16.39 -13.87
CA ALA A 56 -11.19 15.30 -13.91
C ALA A 56 -11.05 14.44 -15.17
N ASP A 57 -10.90 15.08 -16.32
N ASP A 57 -10.98 14.96 -16.43
CA ASP A 57 -10.84 14.31 -17.55
CA ASP A 57 -10.88 13.95 -17.58
C ASP A 57 -9.65 13.35 -17.68
C ASP A 57 -9.56 13.21 -17.71
N ASP A 58 -8.47 13.78 -17.22
CA ASP A 58 -7.25 13.00 -17.26
C ASP A 58 -7.34 11.90 -16.17
N ILE A 59 -7.86 12.26 -15.02
CA ILE A 59 -8.09 11.21 -13.98
C ILE A 59 -9.05 10.11 -14.52
N HIS A 60 -10.11 10.49 -15.22
CA HIS A 60 -10.95 9.47 -15.81
C HIS A 60 -10.29 8.59 -16.86
N ALA A 61 -9.41 9.14 -17.70
CA ALA A 61 -8.65 8.32 -18.69
C ALA A 61 -7.80 7.28 -17.95
N ILE A 62 -7.06 7.69 -16.90
CA ILE A 62 -6.24 6.73 -16.17
C ILE A 62 -7.10 5.70 -15.39
N TYR A 63 -8.21 6.19 -14.85
CA TYR A 63 -9.20 5.29 -14.15
C TYR A 63 -9.67 4.20 -15.07
N GLU A 64 -10.04 4.50 -16.33
CA GLU A 64 -10.47 3.42 -17.26
CA GLU A 64 -10.49 3.41 -17.22
C GLU A 64 -9.38 2.40 -17.56
N LEU A 65 -8.13 2.86 -17.75
CA LEU A 65 -7.03 1.91 -18.01
C LEU A 65 -6.90 0.94 -16.85
N LEU A 66 -6.91 1.47 -15.65
CA LEU A 66 -6.74 0.61 -14.45
C LEU A 66 -7.93 -0.30 -14.23
N ARG A 67 -9.13 0.27 -14.42
CA ARG A 67 -10.38 -0.49 -14.29
C ARG A 67 -10.34 -1.78 -15.12
N ASP A 68 -9.82 -1.64 -16.34
CA ASP A 68 -9.88 -2.75 -17.30
C ASP A 68 -8.62 -3.59 -17.35
N ASN A 69 -7.51 -3.15 -16.75
CA ASN A 69 -6.18 -3.75 -17.01
C ASN A 69 -5.26 -3.84 -15.81
N TYR A 70 -5.70 -3.40 -14.63
CA TYR A 70 -4.87 -3.50 -13.41
C TYR A 70 -4.97 -4.87 -12.71
N VAL A 71 -4.60 -4.95 -11.42
CA VAL A 71 -4.34 -6.26 -10.81
C VAL A 71 -5.67 -7.13 -10.74
N GLU A 72 -5.54 -8.35 -11.22
CA GLU A 72 -6.66 -9.28 -11.07
C GLU A 72 -6.12 -10.60 -10.59
N ASP A 73 -6.98 -11.39 -9.99
CA ASP A 73 -6.50 -12.73 -9.55
C ASP A 73 -6.22 -13.69 -10.72
N ASP A 74 -5.60 -14.86 -10.43
CA ASP A 74 -5.27 -15.80 -11.52
C ASP A 74 -6.47 -16.47 -12.22
N ASP A 75 -7.61 -16.49 -11.50
CA ASP A 75 -8.85 -17.10 -12.02
C ASP A 75 -9.78 -16.14 -12.72
N SER A 76 -9.27 -14.90 -12.90
CA SER A 76 -10.00 -13.83 -13.46
C SER A 76 -11.41 -13.71 -12.88
N MET A 77 -11.49 -13.70 -11.53
CA MET A 77 -12.77 -13.47 -10.83
CA MET A 77 -12.75 -13.49 -10.79
C MET A 77 -12.95 -12.05 -10.33
N PHE A 78 -11.83 -11.41 -9.93
CA PHE A 78 -11.93 -10.03 -9.33
C PHE A 78 -10.84 -9.18 -9.91
N ARG A 79 -11.14 -7.93 -10.20
CA ARG A 79 -10.10 -7.02 -10.73
C ARG A 79 -10.27 -5.72 -9.91
N PHE A 80 -9.15 -5.22 -9.39
CA PHE A 80 -9.24 -3.92 -8.66
C PHE A 80 -9.94 -2.86 -9.44
N ASN A 81 -10.76 -2.01 -8.76
CA ASN A 81 -11.47 -0.90 -9.45
C ASN A 81 -11.28 0.42 -8.63
N TYR A 82 -10.04 0.82 -8.46
CA TYR A 82 -9.75 2.07 -7.71
C TYR A 82 -10.53 3.22 -8.30
N SER A 83 -11.22 4.00 -7.46
CA SER A 83 -12.06 5.04 -7.96
C SER A 83 -11.31 6.30 -8.44
N GLU A 84 -12.05 7.12 -9.24
CA GLU A 84 -11.42 8.38 -9.64
C GLU A 84 -11.03 9.25 -8.42
N GLU A 85 -11.90 9.31 -7.43
CA GLU A 85 -11.59 10.10 -6.17
C GLU A 85 -10.39 9.50 -5.47
N PHE A 86 -10.32 8.17 -5.42
CA PHE A 86 -9.20 7.51 -4.72
C PHE A 86 -7.88 7.84 -5.47
N LEU A 87 -7.90 7.79 -6.84
CA LEU A 87 -6.68 8.08 -7.57
C LEU A 87 -6.17 9.49 -7.36
N GLN A 88 -7.11 10.44 -7.35
CA GLN A 88 -6.68 11.87 -7.08
C GLN A 88 -6.03 11.96 -5.68
N TRP A 89 -6.65 11.30 -4.68
CA TRP A 89 -6.14 11.31 -3.29
C TRP A 89 -4.77 10.64 -3.19
N ALA A 90 -4.65 9.45 -3.80
CA ALA A 90 -3.39 8.70 -3.68
C ALA A 90 -2.23 9.40 -4.46
N LEU A 91 -2.55 10.02 -5.60
CA LEU A 91 -1.43 10.45 -6.49
C LEU A 91 -1.11 11.91 -6.31
N CYS A 92 -1.90 12.68 -5.50
CA CYS A 92 -1.61 14.16 -5.39
C CYS A 92 -1.49 14.57 -3.93
N PRO A 93 -0.60 13.95 -3.15
CA PRO A 93 -0.42 14.36 -1.78
C PRO A 93 0.39 15.70 -1.75
N PRO A 94 0.57 16.24 -0.57
CA PRO A 94 1.33 17.54 -0.45
C PRO A 94 2.68 17.44 -1.15
N ASN A 95 2.96 18.50 -1.91
CA ASN A 95 4.25 18.62 -2.65
C ASN A 95 4.47 17.50 -3.68
N TYR A 96 3.38 16.95 -4.20
CA TYR A 96 3.62 15.93 -5.22
C TYR A 96 4.24 16.57 -6.47
N ILE A 97 4.89 15.74 -7.29
CA ILE A 97 5.53 16.21 -8.53
C ILE A 97 4.72 15.72 -9.73
N PRO A 98 4.03 16.58 -10.51
CA PRO A 98 3.23 16.13 -11.63
C PRO A 98 4.03 15.27 -12.65
N ASP A 99 5.32 15.62 -12.82
CA ASP A 99 6.12 14.91 -13.85
C ASP A 99 6.36 13.45 -13.47
N TRP A 100 6.16 13.08 -12.19
CA TRP A 100 6.30 11.64 -11.80
C TRP A 100 5.08 10.81 -12.18
N HIS A 101 4.07 11.36 -12.80
CA HIS A 101 2.92 10.53 -13.26
C HIS A 101 3.15 10.36 -14.75
N VAL A 102 3.41 9.10 -15.15
CA VAL A 102 4.00 8.86 -16.52
C VAL A 102 3.09 7.91 -17.31
N ALA A 103 2.60 8.28 -18.51
CA ALA A 103 1.81 7.42 -19.31
C ALA A 103 2.38 7.28 -20.69
N VAL A 104 1.92 6.25 -21.41
CA VAL A 104 2.24 6.04 -22.85
C VAL A 104 0.91 6.04 -23.55
N ARG A 105 0.87 6.76 -24.69
CA ARG A 105 -0.27 6.75 -25.58
C ARG A 105 0.14 6.32 -26.97
N ARG A 106 -0.82 5.71 -27.72
CA ARG A 106 -0.56 5.34 -29.12
C ARG A 106 -0.86 6.61 -29.90
N LYS A 107 0.07 7.04 -30.74
CA LYS A 107 -0.20 8.36 -31.40
C LYS A 107 -1.44 8.39 -32.29
N ALA A 108 -1.61 7.35 -33.12
CA ALA A 108 -2.62 7.33 -34.21
C ALA A 108 -4.03 7.59 -33.71
N ASP A 109 -4.43 6.82 -32.69
CA ASP A 109 -5.80 6.88 -32.18
C ASP A 109 -5.82 7.42 -30.77
N LYS A 110 -4.68 7.96 -30.28
CA LYS A 110 -4.46 8.45 -28.88
C LYS A 110 -4.84 7.45 -27.75
N LYS A 111 -4.76 6.15 -28.09
CA LYS A 111 -5.19 5.07 -27.17
C LYS A 111 -4.20 5.09 -26.00
N LEU A 112 -4.74 5.15 -24.83
CA LEU A 112 -3.91 4.96 -23.64
C LEU A 112 -3.38 3.54 -23.42
N LEU A 113 -2.06 3.38 -23.32
CA LEU A 113 -1.47 2.02 -23.36
C LEU A 113 -0.85 1.62 -22.02
N ALA A 114 -0.41 2.56 -21.19
CA ALA A 114 0.41 2.16 -19.99
C ALA A 114 0.51 3.32 -19.04
N PHE A 115 0.80 3.03 -17.78
CA PHE A 115 0.92 4.06 -16.76
C PHE A 115 1.83 3.59 -15.66
N ILE A 116 2.49 4.56 -15.00
CA ILE A 116 3.19 4.28 -13.76
C ILE A 116 3.23 5.55 -12.98
N ALA A 117 3.22 5.52 -11.65
CA ALA A 117 3.20 6.78 -10.94
C ALA A 117 4.13 6.74 -9.73
N GLY A 118 4.74 7.88 -9.49
CA GLY A 118 5.55 8.11 -8.29
C GLY A 118 4.99 9.25 -7.46
N VAL A 119 5.10 9.13 -6.14
CA VAL A 119 4.70 10.22 -5.20
C VAL A 119 5.82 10.36 -4.22
N PRO A 120 6.01 11.56 -3.66
CA PRO A 120 7.05 11.73 -2.62
C PRO A 120 6.68 11.05 -1.31
N VAL A 121 7.68 10.58 -0.54
CA VAL A 121 7.43 10.11 0.82
C VAL A 121 8.73 10.44 1.59
N THR A 122 8.56 10.79 2.83
CA THR A 122 9.69 10.93 3.75
C THR A 122 9.77 9.71 4.61
N LEU A 123 10.85 8.94 4.44
CA LEU A 123 10.90 7.58 4.97
C LEU A 123 12.10 7.40 5.89
N ARG A 124 11.86 6.87 7.09
CA ARG A 124 12.99 6.28 7.89
C ARG A 124 13.38 4.95 7.26
N MET A 125 14.66 4.80 6.89
CA MET A 125 15.12 3.63 6.12
C MET A 125 16.62 3.39 6.48
N GLY A 126 16.97 3.79 7.69
CA GLY A 126 18.38 3.53 8.11
C GLY A 126 18.49 2.11 8.66
N THR A 127 19.72 1.74 9.01
CA THR A 127 19.89 0.32 9.46
C THR A 127 18.90 -0.11 10.56
N PRO A 128 18.29 -1.30 10.40
CA PRO A 128 17.30 -1.68 11.43
C PRO A 128 17.84 -2.12 12.78
N LYS A 129 17.01 -2.13 13.82
CA LYS A 129 17.43 -2.30 15.22
C LYS A 129 18.32 -3.53 15.39
N TYR A 130 17.88 -4.70 14.91
CA TYR A 130 18.70 -5.90 15.16
C TYR A 130 20.06 -5.81 14.45
N MET A 131 20.26 -5.11 13.32
CA MET A 131 21.53 -4.96 12.69
C MET A 131 22.37 -3.86 13.34
N LYS A 132 21.75 -2.85 13.95
CA LYS A 132 22.49 -1.91 14.83
C LYS A 132 23.07 -2.64 16.04
N VAL A 133 22.37 -3.62 16.61
CA VAL A 133 22.95 -4.36 17.74
C VAL A 133 24.15 -5.15 17.23
N LYS A 134 24.04 -5.80 16.07
CA LYS A 134 25.19 -6.59 15.58
CA LYS A 134 25.17 -6.58 15.53
C LYS A 134 26.35 -5.66 15.32
N ALA A 135 26.11 -4.46 14.79
CA ALA A 135 27.16 -3.48 14.53
C ALA A 135 27.88 -3.03 15.82
N GLN A 136 27.11 -2.72 16.87
CA GLN A 136 27.63 -2.37 18.16
C GLN A 136 28.55 -3.51 18.66
N GLU A 137 28.11 -4.77 18.47
CA GLU A 137 28.91 -5.90 19.01
C GLU A 137 30.26 -6.02 18.29
N LYS A 138 30.39 -5.45 17.12
CA LYS A 138 31.59 -5.49 16.30
CA LYS A 138 31.71 -5.51 16.49
C LYS A 138 32.36 -4.19 16.33
N GLY A 139 31.86 -3.15 17.00
CA GLY A 139 32.54 -1.86 16.92
C GLY A 139 32.33 -1.05 15.66
N GLU A 140 31.13 -1.26 15.02
CA GLU A 140 30.79 -0.67 13.68
C GLU A 140 29.57 0.24 13.74
N GLY A 141 29.34 0.91 14.89
CA GLY A 141 28.11 1.72 15.03
C GLY A 141 28.06 2.91 14.13
N GLU A 142 29.21 3.54 13.87
CA GLU A 142 29.32 4.66 12.99
CA GLU A 142 29.14 4.73 13.04
C GLU A 142 28.76 4.37 11.57
N GLU A 143 29.24 3.25 11.05
CA GLU A 143 28.85 2.89 9.68
C GLU A 143 27.34 2.58 9.74
N ALA A 144 26.87 1.88 10.79
CA ALA A 144 25.45 1.49 10.85
C ALA A 144 24.54 2.70 10.94
N ALA A 145 25.01 3.84 11.46
CA ALA A 145 24.16 5.03 11.70
C ALA A 145 24.14 6.05 10.60
N LYS A 146 24.91 5.79 9.54
CA LYS A 146 25.18 6.84 8.59
C LYS A 146 23.90 7.39 7.90
N TYR A 147 22.93 6.49 7.67
CA TYR A 147 21.65 6.89 7.07
C TYR A 147 20.43 6.83 7.97
N ASP A 148 20.61 7.15 9.25
CA ASP A 148 19.50 7.23 10.17
C ASP A 148 18.51 8.33 9.92
N GLU A 149 18.94 9.46 9.36
CA GLU A 149 17.96 10.57 9.21
C GLU A 149 16.86 10.20 8.17
N PRO A 150 15.63 10.65 8.39
CA PRO A 150 14.57 10.38 7.35
C PRO A 150 14.95 10.90 6.02
N ARG A 151 14.61 10.18 4.94
CA ARG A 151 15.08 10.51 3.59
C ARG A 151 13.86 10.87 2.71
N HIS A 152 13.92 11.89 1.88
CA HIS A 152 12.90 12.26 0.88
C HIS A 152 13.14 11.44 -0.36
N ILE A 153 12.26 10.41 -0.55
CA ILE A 153 12.39 9.48 -1.68
C ILE A 153 11.06 9.41 -2.47
N CYS A 154 10.98 8.40 -3.34
CA CYS A 154 9.83 8.19 -4.31
C CYS A 154 9.11 6.90 -3.84
N GLU A 155 7.74 6.87 -3.79
CA GLU A 155 6.99 5.59 -3.72
C GLU A 155 6.38 5.36 -5.08
N ILE A 156 6.66 4.20 -5.68
CA ILE A 156 6.13 3.85 -7.00
C ILE A 156 4.92 2.91 -6.93
N ASN A 157 3.88 3.21 -7.75
CA ASN A 157 2.67 2.31 -7.66
C ASN A 157 1.94 2.47 -8.96
N PHE A 158 0.88 1.66 -9.13
CA PHE A 158 0.01 1.81 -10.30
C PHE A 158 0.65 1.50 -11.64
N LEU A 159 1.74 0.68 -11.63
CA LEU A 159 2.34 0.24 -12.92
C LEU A 159 1.29 -0.61 -13.64
N CYS A 160 1.01 -0.27 -14.90
CA CYS A 160 -0.05 -1.02 -15.63
C CYS A 160 0.24 -0.97 -17.12
N VAL A 161 0.23 -2.13 -17.78
CA VAL A 161 0.33 -2.16 -19.26
C VAL A 161 -1.01 -2.74 -19.76
N HIS A 162 -1.60 -2.12 -20.81
CA HIS A 162 -2.86 -2.65 -21.40
C HIS A 162 -2.70 -4.12 -21.75
N LYS A 163 -3.78 -4.91 -21.53
CA LYS A 163 -3.73 -6.31 -21.90
C LYS A 163 -3.27 -6.64 -23.32
N GLN A 164 -3.58 -5.76 -24.28
CA GLN A 164 -3.14 -6.02 -25.70
C GLN A 164 -1.63 -5.84 -25.92
N LEU A 165 -0.99 -5.20 -24.95
CA LEU A 165 0.45 -4.90 -25.07
CA LEU A 165 0.44 -4.90 -25.07
C LEU A 165 1.33 -5.71 -24.14
N ARG A 166 0.77 -6.72 -23.47
CA ARG A 166 1.53 -7.57 -22.54
C ARG A 166 2.69 -8.31 -23.21
N GLU A 167 3.76 -8.48 -22.44
CA GLU A 167 4.91 -9.35 -22.79
CA GLU A 167 4.89 -9.36 -22.83
C GLU A 167 5.60 -8.82 -24.05
N LYS A 168 5.61 -7.47 -24.19
CA LYS A 168 6.33 -6.78 -25.25
C LYS A 168 7.49 -5.90 -24.72
N ARG A 169 7.80 -6.06 -23.44
CA ARG A 169 8.92 -5.33 -22.76
C ARG A 169 8.64 -3.84 -22.62
N LEU A 170 7.36 -3.49 -22.49
CA LEU A 170 6.99 -2.11 -22.31
C LEU A 170 7.20 -1.70 -20.84
N ALA A 171 6.99 -2.58 -19.90
CA ALA A 171 7.13 -2.23 -18.46
C ALA A 171 8.57 -1.73 -18.18
N PRO A 172 9.61 -2.42 -18.65
CA PRO A 172 10.96 -1.86 -18.38
C PRO A 172 11.12 -0.45 -18.91
N ILE A 173 10.60 -0.13 -20.08
CA ILE A 173 10.75 1.20 -20.66
C ILE A 173 10.09 2.28 -19.74
N LEU A 174 8.87 1.96 -19.27
CA LEU A 174 8.13 2.80 -18.31
C LEU A 174 8.94 2.98 -17.06
N ILE A 175 9.48 1.92 -16.50
CA ILE A 175 10.32 2.00 -15.33
C ILE A 175 11.55 2.87 -15.58
N LYS A 176 12.23 2.70 -16.72
CA LYS A 176 13.43 3.53 -17.01
CA LYS A 176 13.42 3.54 -16.97
C LYS A 176 13.07 5.01 -17.13
N GLU A 177 11.91 5.31 -17.74
CA GLU A 177 11.52 6.72 -17.89
C GLU A 177 11.18 7.31 -16.52
N ALA A 178 10.37 6.58 -15.75
CA ALA A 178 10.07 7.05 -14.36
C ALA A 178 11.35 7.30 -13.54
N THR A 179 12.33 6.37 -13.61
CA THR A 179 13.58 6.51 -12.90
C THR A 179 14.32 7.82 -13.38
N ARG A 180 14.33 8.11 -14.68
CA ARG A 180 14.95 9.31 -15.22
C ARG A 180 14.26 10.55 -14.63
N ARG A 181 12.91 10.59 -14.70
CA ARG A 181 12.24 11.77 -14.17
C ARG A 181 12.45 11.98 -12.65
N VAL A 182 12.53 10.93 -11.89
CA VAL A 182 12.81 11.00 -10.43
C VAL A 182 14.25 11.49 -10.20
N ASN A 183 15.17 10.89 -10.94
CA ASN A 183 16.61 11.26 -10.77
C ASN A 183 16.78 12.74 -11.25
N ARG A 184 16.02 13.24 -12.23
CA ARG A 184 16.11 14.65 -12.69
C ARG A 184 15.68 15.61 -11.52
N THR A 185 15.01 15.07 -10.48
CA THR A 185 14.68 15.90 -9.26
C THR A 185 15.58 15.61 -8.10
N ASN A 186 16.72 14.96 -8.32
CA ASN A 186 17.75 14.67 -7.36
C ASN A 186 17.29 13.71 -6.28
N VAL A 187 16.43 12.76 -6.71
CA VAL A 187 16.01 11.63 -5.84
C VAL A 187 16.48 10.30 -6.49
N TRP A 188 17.11 9.51 -5.63
CA TRP A 188 17.85 8.34 -6.13
C TRP A 188 17.41 7.01 -5.59
N GLN A 189 16.40 7.03 -4.67
CA GLN A 189 15.85 5.72 -4.18
C GLN A 189 14.34 5.76 -4.39
N ALA A 190 13.78 4.54 -4.45
CA ALA A 190 12.28 4.41 -4.39
C ALA A 190 11.95 3.25 -3.48
N VAL A 191 10.66 3.23 -3.07
CA VAL A 191 10.14 2.06 -2.38
C VAL A 191 8.92 1.64 -3.17
N TYR A 192 8.68 0.30 -3.17
CA TYR A 192 7.53 -0.22 -3.96
C TYR A 192 7.16 -1.58 -3.38
N THR A 193 5.88 -1.96 -3.58
CA THR A 193 5.48 -3.30 -3.18
C THR A 193 4.88 -3.98 -4.41
N ALA A 194 4.88 -5.31 -4.38
CA ALA A 194 4.21 -6.13 -5.37
C ALA A 194 3.76 -7.46 -4.71
N GLY A 195 2.74 -8.06 -5.33
CA GLY A 195 2.31 -9.39 -4.89
C GLY A 195 3.23 -10.44 -5.52
N VAL A 196 3.91 -10.14 -6.60
CA VAL A 196 4.83 -11.08 -7.28
C VAL A 196 6.22 -11.02 -6.64
N LEU A 197 7.02 -12.07 -6.83
CA LEU A 197 8.38 -12.13 -6.33
C LEU A 197 9.35 -11.65 -7.44
N LEU A 198 10.12 -10.61 -7.10
CA LEU A 198 11.11 -9.99 -8.00
C LEU A 198 12.41 -9.96 -7.24
N PRO A 199 13.53 -9.68 -7.99
CA PRO A 199 14.77 -9.43 -7.18
C PRO A 199 14.75 -8.06 -6.44
N THR A 200 14.87 -7.97 -5.10
CA THR A 200 14.77 -8.99 -4.07
C THR A 200 14.12 -8.31 -2.88
N PRO A 201 13.09 -8.86 -2.28
CA PRO A 201 12.39 -8.15 -1.18
C PRO A 201 13.24 -7.93 0.05
N TYR A 202 13.03 -6.82 0.75
CA TYR A 202 13.63 -6.69 2.09
C TYR A 202 12.67 -7.11 3.20
N ALA A 203 11.37 -7.36 2.85
CA ALA A 203 10.38 -7.80 3.87
C ALA A 203 9.19 -8.38 3.06
N SER A 204 8.47 -9.30 3.71
CA SER A 204 7.25 -9.88 3.07
CA SER A 204 7.30 -10.01 3.08
C SER A 204 6.27 -10.25 4.14
N GLY A 205 4.99 -10.01 3.84
CA GLY A 205 3.96 -10.13 4.89
C GLY A 205 2.76 -10.84 4.22
N GLN A 206 2.13 -11.75 4.95
CA GLN A 206 0.91 -12.36 4.45
C GLN A 206 -0.31 -11.42 4.51
N TYR A 207 -1.23 -11.66 3.57
CA TYR A 207 -2.57 -11.03 3.57
CA TYR A 207 -2.51 -10.97 3.59
C TYR A 207 -3.47 -11.60 4.62
N PHE A 208 -4.38 -10.80 5.21
CA PHE A 208 -5.42 -11.30 6.10
C PHE A 208 -6.77 -10.72 5.70
N HIS A 209 -7.83 -11.47 5.91
CA HIS A 209 -9.21 -11.01 5.53
C HIS A 209 -10.10 -11.28 6.76
N ARG A 210 -11.11 -10.41 6.96
CA ARG A 210 -12.10 -10.54 7.99
C ARG A 210 -13.47 -10.36 7.31
N SER A 211 -14.19 -11.48 7.22
CA SER A 211 -15.54 -11.47 6.59
CA SER A 211 -15.55 -11.41 6.54
C SER A 211 -16.49 -10.53 7.32
N LEU A 212 -17.21 -9.67 6.56
CA LEU A 212 -18.21 -8.80 7.14
C LEU A 212 -19.58 -9.23 6.61
N ASN A 213 -19.65 -9.57 5.31
CA ASN A 213 -20.95 -10.05 4.63
C ASN A 213 -20.71 -11.46 4.07
N PRO A 214 -20.63 -12.51 4.93
CA PRO A 214 -20.24 -13.83 4.45
C PRO A 214 -21.16 -14.38 3.41
N GLU A 215 -22.47 -14.06 3.44
CA GLU A 215 -23.36 -14.66 2.41
C GLU A 215 -23.00 -14.15 1.02
N LYS A 216 -22.68 -12.83 0.91
CA LYS A 216 -22.26 -12.29 -0.36
C LYS A 216 -20.88 -12.82 -0.78
N LEU A 217 -19.95 -12.93 0.20
CA LEU A 217 -18.61 -13.41 -0.12
C LEU A 217 -18.64 -14.86 -0.64
N VAL A 218 -19.55 -15.71 -0.10
CA VAL A 218 -19.68 -17.06 -0.62
C VAL A 218 -20.39 -17.05 -2.01
N GLU A 219 -21.41 -16.22 -2.19
CA GLU A 219 -22.12 -16.16 -3.47
C GLU A 219 -21.20 -15.78 -4.63
N ILE A 220 -20.34 -14.77 -4.40
CA ILE A 220 -19.36 -14.36 -5.42
C ILE A 220 -18.09 -15.22 -5.51
N ARG A 221 -17.96 -16.24 -4.62
CA ARG A 221 -16.88 -17.20 -4.60
CA ARG A 221 -16.85 -17.19 -4.60
C ARG A 221 -15.56 -16.55 -4.20
N PHE A 222 -15.66 -15.44 -3.45
CA PHE A 222 -14.47 -14.98 -2.74
C PHE A 222 -14.07 -15.96 -1.59
N SER A 223 -15.13 -16.48 -0.96
CA SER A 223 -15.07 -17.42 0.19
C SER A 223 -15.87 -18.65 -0.20
N GLY A 224 -15.65 -19.71 0.58
CA GLY A 224 -16.48 -20.94 0.49
C GLY A 224 -17.06 -21.12 1.85
N ILE A 225 -18.07 -21.99 1.98
CA ILE A 225 -18.48 -22.39 3.38
C ILE A 225 -17.43 -23.40 3.83
N PRO A 226 -16.68 -23.11 4.91
CA PRO A 226 -15.63 -24.10 5.30
C PRO A 226 -16.23 -25.47 5.70
N ALA A 227 -15.43 -26.54 5.54
CA ALA A 227 -15.87 -27.90 5.85
C ALA A 227 -16.46 -28.05 7.25
N GLN A 228 -15.88 -27.47 8.30
CA GLN A 228 -16.50 -27.75 9.59
CA GLN A 228 -16.45 -27.61 9.64
C GLN A 228 -17.92 -27.22 9.76
N TYR A 229 -18.35 -26.26 8.93
CA TYR A 229 -19.71 -25.79 9.02
C TYR A 229 -20.71 -26.76 8.36
N GLN A 230 -20.20 -27.69 7.57
CA GLN A 230 -21.11 -28.75 7.01
C GLN A 230 -21.68 -29.72 7.98
N LYS A 231 -21.19 -29.79 9.21
CA LYS A 231 -21.82 -30.58 10.26
C LYS A 231 -23.09 -29.91 10.84
N PHE A 232 -23.46 -28.71 10.37
CA PHE A 232 -24.62 -28.09 10.94
C PHE A 232 -25.83 -28.21 9.98
N GLN A 233 -27.01 -28.16 10.58
CA GLN A 233 -28.25 -28.21 9.82
C GLN A 233 -28.32 -27.03 8.77
N ASN A 234 -27.76 -25.88 9.18
CA ASN A 234 -27.80 -24.68 8.31
C ASN A 234 -26.43 -24.07 8.29
N PRO A 235 -25.55 -24.53 7.42
CA PRO A 235 -24.11 -24.12 7.47
C PRO A 235 -24.07 -22.59 7.30
N MET A 236 -24.80 -22.01 6.35
CA MET A 236 -24.67 -20.55 6.17
C MET A 236 -25.20 -19.72 7.36
N ALA A 237 -26.31 -20.11 7.97
CA ALA A 237 -26.76 -19.47 9.18
C ALA A 237 -25.70 -19.44 10.24
N MET A 238 -24.97 -20.53 10.43
CA MET A 238 -23.94 -20.60 11.45
C MET A 238 -22.68 -19.77 11.07
N LEU A 239 -22.42 -19.70 9.75
CA LEU A 239 -21.34 -18.84 9.26
C LEU A 239 -21.68 -17.36 9.51
N LYS A 240 -22.90 -16.97 9.16
CA LYS A 240 -23.36 -15.58 9.48
C LYS A 240 -23.20 -15.29 10.96
N ARG A 241 -23.61 -16.24 11.79
CA ARG A 241 -23.47 -16.03 13.20
C ARG A 241 -22.05 -15.89 13.68
N ASN A 242 -21.14 -16.68 13.17
CA ASN A 242 -19.79 -16.59 13.55
C ASN A 242 -19.20 -15.16 13.30
N TYR A 243 -19.63 -14.53 12.20
CA TYR A 243 -19.03 -13.22 11.80
C TYR A 243 -19.89 -12.02 12.19
N GLN A 244 -20.96 -12.24 12.95
CA GLN A 244 -21.89 -11.18 13.36
CA GLN A 244 -21.87 -11.11 13.28
C GLN A 244 -21.15 -10.11 14.19
N LEU A 245 -21.54 -8.85 14.04
CA LEU A 245 -20.92 -7.71 14.74
C LEU A 245 -21.99 -6.81 15.34
N PRO A 246 -21.61 -6.07 16.38
CA PRO A 246 -22.52 -5.03 16.89
C PRO A 246 -22.92 -4.08 15.83
N SER A 247 -24.08 -3.40 16.02
CA SER A 247 -24.63 -2.47 14.99
C SER A 247 -24.24 -1.05 15.22
N ALA A 248 -23.48 -0.80 16.26
CA ALA A 248 -23.02 0.55 16.62
C ALA A 248 -21.72 0.38 17.37
N PRO A 249 -20.76 1.34 17.29
CA PRO A 249 -19.46 1.22 18.02
C PRO A 249 -19.59 1.12 19.54
N LYS A 250 -18.58 0.50 20.14
CA LYS A 250 -18.61 0.19 21.56
C LYS A 250 -17.82 1.24 22.34
N ASN A 251 -16.87 1.97 21.74
CA ASN A 251 -15.98 2.82 22.49
C ASN A 251 -16.74 4.12 22.68
N SER A 252 -16.83 4.55 23.95
CA SER A 252 -17.40 5.83 24.17
C SER A 252 -16.49 6.90 23.56
N GLY A 253 -17.12 7.91 23.03
CA GLY A 253 -16.36 9.06 22.53
C GLY A 253 -15.72 8.80 21.18
N LEU A 254 -16.11 7.70 20.52
CA LEU A 254 -15.68 7.55 19.12
C LEU A 254 -16.42 8.57 18.20
N ARG A 255 -15.68 9.28 17.35
CA ARG A 255 -16.33 10.21 16.39
C ARG A 255 -15.39 10.38 15.15
N GLU A 256 -15.91 10.90 14.07
CA GLU A 256 -15.03 11.16 12.92
CA GLU A 256 -15.01 11.12 12.94
C GLU A 256 -13.97 12.19 13.28
N MET A 257 -12.75 12.00 12.69
CA MET A 257 -11.67 12.98 12.79
C MET A 257 -12.05 14.31 12.09
N LYS A 258 -11.68 15.41 12.74
CA LYS A 258 -11.85 16.76 12.17
CA LYS A 258 -11.84 16.81 12.26
C LYS A 258 -10.48 17.46 12.03
N PRO A 259 -10.41 18.59 11.28
CA PRO A 259 -9.16 19.30 11.12
C PRO A 259 -8.47 19.67 12.45
N SER A 260 -9.22 20.02 13.48
CA SER A 260 -8.62 20.41 14.73
C SER A 260 -7.92 19.24 15.47
N ASP A 261 -8.21 18.02 15.02
CA ASP A 261 -7.50 16.84 15.61
C ASP A 261 -6.12 16.57 14.99
N VAL A 262 -5.76 17.28 13.93
CA VAL A 262 -4.54 16.96 13.17
C VAL A 262 -3.26 16.97 14.07
N PRO A 263 -3.03 18.01 14.89
CA PRO A 263 -1.78 17.94 15.70
C PRO A 263 -1.76 16.76 16.69
N GLN A 264 -2.85 16.43 17.37
CA GLN A 264 -2.90 15.34 18.39
CA GLN A 264 -2.84 15.33 18.37
C GLN A 264 -2.67 13.99 17.62
N VAL A 265 -3.35 13.82 16.46
CA VAL A 265 -3.24 12.56 15.70
C VAL A 265 -1.84 12.43 15.17
N ARG A 266 -1.24 13.50 14.66
CA ARG A 266 0.15 13.47 14.23
CA ARG A 266 0.16 13.46 14.23
C ARG A 266 1.10 13.03 15.38
N ARG A 267 0.90 13.61 16.56
CA ARG A 267 1.71 13.32 17.79
CA ARG A 267 1.86 13.31 17.63
C ARG A 267 1.63 11.82 18.10
N ILE A 268 0.41 11.28 18.26
CA ILE A 268 0.33 9.87 18.74
C ILE A 268 0.70 8.91 17.61
N LEU A 269 0.42 9.25 16.35
CA LEU A 269 0.92 8.36 15.29
C LEU A 269 2.38 8.34 15.19
N MET A 270 3.06 9.51 15.15
CA MET A 270 4.49 9.50 14.94
C MET A 270 5.20 8.89 16.17
N ASN A 271 4.67 9.08 17.37
CA ASN A 271 5.31 8.35 18.49
CA ASN A 271 5.25 8.33 18.53
C ASN A 271 5.23 6.82 18.34
N TYR A 272 4.08 6.31 17.84
CA TYR A 272 3.88 4.90 17.60
C TYR A 272 4.77 4.43 16.47
N LEU A 273 4.79 5.11 15.33
CA LEU A 273 5.51 4.57 14.17
C LEU A 273 7.03 4.57 14.38
N ASP A 274 7.50 5.45 15.24
CA ASP A 274 8.91 5.48 15.60
C ASP A 274 9.49 4.13 16.01
N SER A 275 8.69 3.27 16.64
CA SER A 275 9.10 1.98 17.17
C SER A 275 9.47 0.96 16.10
N PHE A 276 9.05 1.20 14.87
CA PHE A 276 9.29 0.24 13.72
C PHE A 276 10.54 0.64 12.96
N ASP A 277 11.28 -0.30 12.38
CA ASP A 277 12.45 -0.02 11.60
C ASP A 277 12.26 0.80 10.33
N VAL A 278 11.20 0.51 9.52
CA VAL A 278 10.92 1.24 8.32
C VAL A 278 9.54 1.91 8.44
N GLY A 279 9.48 3.25 8.37
CA GLY A 279 8.19 3.94 8.59
C GLY A 279 8.24 5.35 8.00
N PRO A 280 7.06 5.89 7.66
CA PRO A 280 6.99 7.28 7.14
C PRO A 280 7.04 8.29 8.25
N VAL A 281 7.49 9.48 7.87
CA VAL A 281 7.38 10.74 8.68
C VAL A 281 6.39 11.67 8.02
N PHE A 282 5.30 12.02 8.72
CA PHE A 282 4.27 12.89 8.13
C PHE A 282 4.23 14.22 8.85
N SER A 283 4.22 15.22 7.99
CA SER A 283 3.93 16.63 8.42
C SER A 283 2.47 16.82 8.74
N ASP A 284 2.14 17.95 9.40
CA ASP A 284 0.71 18.24 9.60
C ASP A 284 -0.07 18.19 8.26
N ALA A 285 0.51 18.71 7.16
CA ALA A 285 -0.19 18.70 5.89
C ALA A 285 -0.41 17.29 5.36
N GLU A 286 0.58 16.43 5.57
CA GLU A 286 0.40 15.02 5.17
C GLU A 286 -0.55 14.28 6.02
N ILE A 287 -0.54 14.50 7.35
CA ILE A 287 -1.59 13.93 8.21
C ILE A 287 -2.97 14.37 7.77
N SER A 288 -3.16 15.67 7.48
CA SER A 288 -4.44 16.15 6.94
CA SER A 288 -4.43 16.11 6.98
C SER A 288 -4.82 15.39 5.67
N HIS A 289 -3.92 15.35 4.71
CA HIS A 289 -4.20 14.73 3.44
C HIS A 289 -4.56 13.20 3.54
N TYR A 290 -3.70 12.47 4.24
CA TYR A 290 -3.93 11.02 4.25
C TYR A 290 -4.96 10.54 5.26
N LEU A 291 -5.34 11.36 6.27
CA LEU A 291 -6.24 10.85 7.29
C LEU A 291 -7.56 11.59 7.45
N LEU A 292 -7.70 12.82 7.02
CA LEU A 292 -9.06 13.47 7.15
C LEU A 292 -10.06 12.72 6.30
N PRO A 293 -11.25 12.46 6.85
CA PRO A 293 -12.25 11.74 6.04
C PRO A 293 -12.50 12.30 4.66
N ARG A 294 -12.63 11.40 3.69
CA ARG A 294 -12.97 11.79 2.34
C ARG A 294 -13.98 10.81 1.84
N ASP A 295 -15.15 11.30 1.39
CA ASP A 295 -16.22 10.41 1.08
C ASP A 295 -15.83 9.36 0.04
N GLY A 296 -16.21 8.12 0.34
CA GLY A 296 -15.98 7.00 -0.55
C GLY A 296 -14.52 6.51 -0.64
N VAL A 297 -13.64 7.19 0.11
CA VAL A 297 -12.14 6.97 -0.10
C VAL A 297 -11.51 6.60 1.29
N VAL A 298 -11.51 7.52 2.25
CA VAL A 298 -10.78 7.22 3.52
C VAL A 298 -11.70 7.62 4.66
N PHE A 299 -11.68 6.76 5.71
CA PHE A 299 -12.64 6.84 6.85
C PHE A 299 -11.78 6.83 8.09
N THR A 300 -11.90 7.85 8.94
CA THR A 300 -10.96 7.98 10.10
C THR A 300 -11.76 8.47 11.27
N TYR A 301 -11.54 7.72 12.36
CA TYR A 301 -12.26 7.96 13.63
C TYR A 301 -11.28 8.12 14.75
N VAL A 302 -11.60 9.08 15.67
CA VAL A 302 -10.83 9.27 16.91
C VAL A 302 -11.64 8.85 18.10
N VAL A 303 -10.89 8.42 19.16
CA VAL A 303 -11.51 8.21 20.48
C VAL A 303 -11.23 9.46 21.30
N GLU A 304 -12.29 10.25 21.57
CA GLU A 304 -12.16 11.47 22.39
C GLU A 304 -13.05 11.35 23.62
N ASN A 305 -12.39 11.19 24.76
CA ASN A 305 -13.14 11.29 26.03
C ASN A 305 -12.58 12.42 26.87
N ASP A 306 -13.51 13.16 27.46
CA ASP A 306 -13.11 14.29 28.33
C ASP A 306 -12.10 15.22 27.55
N LYS A 307 -12.45 15.52 26.29
CA LYS A 307 -11.81 16.58 25.53
C LYS A 307 -10.36 16.26 25.13
N LYS A 308 -9.93 14.99 25.14
CA LYS A 308 -8.59 14.69 24.70
C LYS A 308 -8.72 13.52 23.72
N VAL A 309 -7.97 13.61 22.60
CA VAL A 309 -7.95 12.45 21.64
C VAL A 309 -6.84 11.55 22.06
N THR A 310 -7.22 10.28 22.36
CA THR A 310 -6.23 9.33 22.89
C THR A 310 -5.94 8.13 21.96
N ASP A 311 -6.78 7.97 20.90
CA ASP A 311 -6.62 6.77 20.03
C ASP A 311 -7.24 7.20 18.70
N PHE A 312 -6.87 6.47 17.64
CA PHE A 312 -7.56 6.74 16.37
C PHE A 312 -7.40 5.48 15.51
N PHE A 313 -8.32 5.29 14.55
CA PHE A 313 -7.99 4.33 13.45
C PHE A 313 -8.46 4.94 12.12
N SER A 314 -7.97 4.35 11.05
CA SER A 314 -8.40 4.73 9.69
C SER A 314 -8.49 3.48 8.84
N PHE A 315 -9.40 3.52 7.86
CA PHE A 315 -9.40 2.47 6.78
C PHE A 315 -9.71 3.18 5.47
N TYR A 316 -9.31 2.56 4.36
CA TYR A 316 -9.69 3.11 3.06
C TYR A 316 -10.46 2.08 2.23
N ARG A 317 -11.17 2.59 1.25
CA ARG A 317 -12.02 1.76 0.40
C ARG A 317 -11.44 1.48 -0.98
N ILE A 318 -11.42 0.20 -1.39
CA ILE A 318 -11.18 -0.04 -2.85
C ILE A 318 -12.19 -1.13 -3.22
N PRO A 319 -13.12 -0.83 -4.16
CA PRO A 319 -13.98 -1.92 -4.66
C PRO A 319 -13.24 -2.71 -5.71
N SER A 320 -13.58 -4.00 -5.84
CA SER A 320 -13.10 -4.80 -6.98
C SER A 320 -14.32 -5.17 -7.87
N THR A 321 -14.10 -5.16 -9.17
CA THR A 321 -15.12 -5.62 -10.12
C THR A 321 -15.24 -7.15 -9.96
N VAL A 322 -16.48 -7.61 -9.83
CA VAL A 322 -16.76 -9.08 -9.78
C VAL A 322 -17.06 -9.47 -11.22
N ILE A 323 -16.04 -10.14 -11.79
N ILE A 323 -16.26 -10.29 -11.83
CA ILE A 323 -15.88 -10.38 -13.26
CA ILE A 323 -16.51 -10.58 -13.25
C ILE A 323 -17.00 -11.27 -13.78
C ILE A 323 -17.54 -11.67 -13.41
N GLY A 324 -17.58 -12.18 -12.98
N GLY A 324 -18.72 -11.35 -14.00
CA GLY A 324 -18.70 -12.98 -13.53
CA GLY A 324 -19.70 -12.37 -14.44
C GLY A 324 -20.04 -13.29 -12.83
C GLY A 324 -20.68 -12.96 -13.45
N ASN A 325 -20.85 -12.33 -12.31
CA ASN A 325 -21.95 -12.73 -11.38
C ASN A 325 -23.33 -12.01 -11.60
N SER A 326 -24.44 -12.75 -11.62
CA SER A 326 -25.72 -12.15 -11.94
C SER A 326 -26.29 -11.33 -10.78
N ASN A 327 -25.83 -11.57 -9.56
CA ASN A 327 -26.39 -10.85 -8.45
C ASN A 327 -25.59 -9.67 -8.02
N TYR A 328 -24.24 -9.76 -8.18
CA TYR A 328 -23.38 -8.65 -7.77
C TYR A 328 -22.33 -8.21 -8.81
N ASN A 329 -22.01 -6.92 -8.81
CA ASN A 329 -21.01 -6.33 -9.70
CA ASN A 329 -20.84 -6.69 -9.67
C ASN A 329 -19.70 -5.99 -9.00
N LEU A 330 -19.83 -5.73 -7.69
CA LEU A 330 -18.71 -5.20 -6.95
C LEU A 330 -18.47 -5.90 -5.62
N LEU A 331 -17.22 -6.05 -5.25
CA LEU A 331 -16.82 -6.51 -3.89
C LEU A 331 -16.34 -5.24 -3.18
N ASN A 332 -17.00 -4.82 -2.08
CA ASN A 332 -16.67 -3.54 -1.44
C ASN A 332 -15.73 -3.84 -0.28
N ALA A 333 -14.41 -3.60 -0.44
CA ALA A 333 -13.45 -3.95 0.61
C ALA A 333 -12.91 -2.74 1.33
N ALA A 334 -12.79 -2.93 2.64
CA ALA A 334 -12.24 -1.89 3.58
C ALA A 334 -10.80 -2.35 3.95
N TYR A 335 -9.79 -1.50 3.87
CA TYR A 335 -8.39 -1.92 4.15
C TYR A 335 -7.94 -1.16 5.34
N VAL A 336 -7.30 -1.85 6.33
CA VAL A 336 -6.80 -1.20 7.56
C VAL A 336 -5.67 -0.28 7.11
N HIS A 337 -5.75 0.95 7.57
CA HIS A 337 -4.75 2.01 7.18
C HIS A 337 -3.97 2.29 8.48
N TYR A 338 -3.64 3.54 8.79
CA TYR A 338 -2.87 3.82 10.08
C TYR A 338 -3.80 3.84 11.26
N TYR A 339 -3.23 3.68 12.42
CA TYR A 339 -3.93 3.71 13.69
C TYR A 339 -2.96 3.99 14.81
N ALA A 340 -3.48 4.32 16.00
CA ALA A 340 -2.58 4.36 17.24
C ALA A 340 -3.50 4.26 18.41
N ALA A 341 -3.03 3.45 19.39
CA ALA A 341 -3.82 3.19 20.60
C ALA A 341 -2.96 3.57 21.82
N THR A 342 -3.51 4.47 22.65
CA THR A 342 -2.80 4.85 23.91
C THR A 342 -3.72 4.59 25.11
N SER A 343 -5.01 4.50 24.97
CA SER A 343 -5.91 4.33 26.11
C SER A 343 -6.65 2.99 26.23
N ILE A 344 -6.66 2.21 25.13
CA ILE A 344 -7.41 0.98 25.07
C ILE A 344 -6.57 -0.02 24.33
N PRO A 345 -6.87 -1.32 24.52
CA PRO A 345 -6.13 -2.27 23.77
C PRO A 345 -6.42 -2.21 22.24
N LEU A 346 -5.42 -2.59 21.45
CA LEU A 346 -5.55 -2.49 19.99
C LEU A 346 -6.80 -3.31 19.53
N HIS A 347 -7.04 -4.54 20.08
CA HIS A 347 -8.20 -5.28 19.63
C HIS A 347 -9.52 -4.55 19.87
N GLN A 348 -9.66 -3.77 20.95
CA GLN A 348 -10.86 -3.05 21.25
C GLN A 348 -11.03 -1.87 20.23
N LEU A 349 -9.90 -1.25 19.87
CA LEU A 349 -9.96 -0.14 18.87
C LEU A 349 -10.38 -0.70 17.49
N ILE A 350 -9.73 -1.80 17.10
CA ILE A 350 -10.00 -2.31 15.73
C ILE A 350 -11.38 -3.02 15.65
N LEU A 351 -11.94 -3.47 16.79
CA LEU A 351 -13.31 -4.00 16.73
C LEU A 351 -14.27 -2.88 16.21
N ASP A 352 -14.01 -1.64 16.68
CA ASP A 352 -14.87 -0.55 16.22
C ASP A 352 -14.67 -0.21 14.73
N LEU A 353 -13.45 -0.43 14.28
CA LEU A 353 -13.20 -0.37 12.79
C LEU A 353 -14.13 -1.35 12.04
N LEU A 354 -14.10 -2.65 12.47
CA LEU A 354 -14.99 -3.63 11.87
C LEU A 354 -16.46 -3.28 11.94
N ILE A 355 -16.88 -2.72 13.09
CA ILE A 355 -18.28 -2.32 13.28
C ILE A 355 -18.67 -1.20 12.31
N VAL A 356 -17.79 -0.20 12.25
CA VAL A 356 -18.09 0.91 11.32
C VAL A 356 -18.10 0.46 9.87
N ALA A 357 -17.08 -0.32 9.50
CA ALA A 357 -17.04 -0.79 8.11
C ALA A 357 -18.31 -1.64 7.74
N HIS A 358 -18.68 -2.55 8.66
CA HIS A 358 -19.87 -3.33 8.37
C HIS A 358 -21.12 -2.44 8.29
N SER A 359 -21.25 -1.48 9.21
CA SER A 359 -22.40 -0.57 9.16
CA SER A 359 -22.43 -0.60 9.16
CA SER A 359 -22.39 -0.56 9.19
C SER A 359 -22.52 0.21 7.87
N ARG A 360 -21.38 0.57 7.27
CA ARG A 360 -21.30 1.32 6.06
C ARG A 360 -21.38 0.44 4.83
N GLY A 361 -21.63 -0.89 4.95
CA GLY A 361 -21.85 -1.75 3.81
C GLY A 361 -20.65 -2.32 3.12
N PHE A 362 -19.53 -2.40 3.85
CA PHE A 362 -18.37 -3.09 3.32
C PHE A 362 -18.54 -4.62 3.49
N ASP A 363 -17.93 -5.37 2.58
CA ASP A 363 -18.15 -6.85 2.58
C ASP A 363 -17.06 -7.59 3.30
N VAL A 364 -15.86 -7.01 3.36
CA VAL A 364 -14.66 -7.67 3.90
C VAL A 364 -13.72 -6.58 4.39
N CYS A 365 -12.98 -6.90 5.48
CA CYS A 365 -11.91 -5.98 5.87
C CYS A 365 -10.61 -6.72 5.61
N ASN A 366 -9.71 -6.06 4.93
CA ASN A 366 -8.38 -6.65 4.51
C ASN A 366 -7.22 -5.93 5.16
N MET A 367 -6.10 -6.61 5.36
CA MET A 367 -4.87 -5.97 5.83
C MET A 367 -3.72 -6.90 5.60
N VAL A 368 -2.53 -6.34 5.78
CA VAL A 368 -1.24 -7.12 5.73
C VAL A 368 -0.71 -7.20 7.17
N GLU A 369 0.10 -8.22 7.53
CA GLU A 369 0.57 -8.41 8.96
C GLU A 369 1.72 -7.45 9.29
N ILE A 370 1.61 -6.21 8.87
CA ILE A 370 2.62 -5.15 9.22
C ILE A 370 2.16 -4.46 10.50
N LEU A 371 2.86 -3.39 10.96
CA LEU A 371 2.42 -2.72 12.22
C LEU A 371 2.23 -3.75 13.39
N ASP A 372 1.19 -3.63 14.22
CA ASP A 372 0.85 -4.62 15.28
C ASP A 372 -0.38 -5.38 14.83
N ASN A 373 -0.54 -5.56 13.52
CA ASN A 373 -1.79 -6.18 13.01
C ASN A 373 -1.91 -7.67 13.49
N ARG A 374 -0.77 -8.30 13.84
CA ARG A 374 -0.93 -9.69 14.35
C ARG A 374 -1.57 -9.77 15.74
N SER A 375 -1.55 -8.65 16.48
CA SER A 375 -2.02 -8.68 17.86
CA SER A 375 -2.06 -8.60 17.84
C SER A 375 -3.53 -8.82 18.00
N PHE A 376 -4.31 -8.67 16.88
CA PHE A 376 -5.74 -8.85 17.05
C PHE A 376 -6.32 -9.82 16.03
N VAL A 377 -5.46 -10.52 15.30
CA VAL A 377 -5.94 -11.48 14.23
C VAL A 377 -6.88 -12.50 14.79
N GLU A 378 -6.47 -13.24 15.85
CA GLU A 378 -7.42 -14.32 16.31
C GLU A 378 -8.70 -13.87 16.96
N GLN A 379 -8.61 -12.89 17.88
CA GLN A 379 -9.82 -12.53 18.61
C GLN A 379 -10.87 -11.95 17.66
N LEU A 380 -10.32 -11.19 16.66
CA LEU A 380 -11.20 -10.44 15.71
C LEU A 380 -11.54 -11.31 14.50
N LYS A 381 -11.10 -12.56 14.46
CA LYS A 381 -11.52 -13.56 13.43
C LYS A 381 -11.03 -13.18 12.03
N PHE A 382 -9.86 -12.57 11.91
CA PHE A 382 -9.17 -12.55 10.64
C PHE A 382 -8.61 -13.93 10.30
N GLY A 383 -8.55 -14.22 9.06
CA GLY A 383 -7.86 -15.46 8.59
C GLY A 383 -6.77 -15.05 7.60
N ALA A 384 -5.58 -15.72 7.59
CA ALA A 384 -4.63 -15.50 6.53
C ALA A 384 -5.20 -15.90 5.19
N GLY A 385 -4.84 -15.14 4.19
CA GLY A 385 -5.11 -15.39 2.79
C GLY A 385 -3.98 -16.05 1.98
N ASP A 386 -4.12 -16.27 0.68
CA ASP A 386 -2.95 -16.86 0.00
C ASP A 386 -1.94 -15.85 -0.60
N GLY A 387 -0.74 -16.31 -0.98
CA GLY A 387 0.26 -15.31 -1.42
C GLY A 387 0.72 -14.30 -0.33
N HIS A 388 1.70 -13.52 -0.79
N HIS A 388 0.99 -12.98 -0.65
CA HIS A 388 2.52 -12.70 0.06
CA HIS A 388 1.74 -12.00 0.26
C HIS A 388 2.65 -11.43 -0.68
C HIS A 388 1.97 -10.50 -0.24
N LEU A 389 2.50 -10.33 0.04
N LEU A 389 2.25 -9.53 0.66
CA LEU A 389 3.06 -9.11 -0.41
CA LEU A 389 2.78 -8.23 0.19
C LEU A 389 4.51 -8.97 -0.06
C LEU A 389 4.33 -8.16 0.26
N ARG A 390 5.09 -8.18 -0.89
CA ARG A 390 6.56 -8.08 -0.81
C ARG A 390 6.97 -6.59 -0.92
N TYR A 391 7.84 -6.18 -0.01
CA TYR A 391 8.37 -4.78 0.02
C TYR A 391 9.74 -4.75 -0.67
N TYR A 392 9.96 -3.70 -1.48
CA TYR A 392 11.22 -3.55 -2.19
C TYR A 392 11.71 -2.14 -2.09
N PHE A 393 13.05 -2.01 -2.19
CA PHE A 393 13.68 -0.66 -2.51
C PHE A 393 14.39 -0.69 -3.83
N TYR A 394 14.48 0.47 -4.47
CA TYR A 394 15.29 0.66 -5.64
C TYR A 394 16.54 1.47 -5.18
N ASN A 395 17.72 0.90 -5.51
CA ASN A 395 19.03 1.59 -5.18
C ASN A 395 19.18 1.77 -3.68
N TRP A 396 18.85 0.78 -2.90
CA TRP A 396 19.03 0.77 -1.46
C TRP A 396 19.30 -0.62 -0.96
N ALA A 397 20.49 -0.84 -0.42
CA ALA A 397 20.81 -2.12 0.20
C ALA A 397 20.19 -2.09 1.59
N TYR A 398 19.53 -3.16 2.02
CA TYR A 398 18.81 -3.16 3.26
C TYR A 398 18.75 -4.59 3.84
N PRO A 399 19.12 -4.78 5.10
CA PRO A 399 19.02 -6.10 5.73
C PRO A 399 17.57 -6.60 5.78
N LYS A 400 17.35 -7.89 5.57
CA LYS A 400 15.99 -8.45 5.68
C LYS A 400 15.38 -8.14 7.03
N ILE A 401 14.15 -7.63 7.07
CA ILE A 401 13.46 -7.45 8.28
C ILE A 401 12.06 -8.18 8.34
N LYS A 402 11.55 -8.43 9.55
CA LYS A 402 10.22 -9.08 9.72
C LYS A 402 9.12 -8.03 9.33
N PRO A 403 7.97 -8.48 8.81
CA PRO A 403 6.90 -7.47 8.53
C PRO A 403 6.39 -6.72 9.71
N SER A 404 6.46 -7.28 10.92
CA SER A 404 6.12 -6.56 12.19
C SER A 404 7.15 -5.40 12.50
N GLN A 405 8.09 -5.21 11.62
CA GLN A 405 9.06 -4.06 11.72
C GLN A 405 8.87 -3.03 10.58
N VAL A 406 7.75 -3.21 9.85
CA VAL A 406 7.40 -2.29 8.74
C VAL A 406 6.12 -1.50 9.15
N ALA A 407 6.20 -0.18 8.96
CA ALA A 407 5.09 0.73 9.33
C ALA A 407 4.63 1.55 8.11
N LEU A 408 5.01 1.20 6.89
CA LEU A 408 4.57 1.90 5.73
C LEU A 408 3.38 1.20 5.04
N VAL A 409 2.20 1.83 5.11
CA VAL A 409 0.97 1.23 4.45
C VAL A 409 1.07 1.56 2.96
N MET A 410 0.93 0.53 2.10
CA MET A 410 0.99 0.77 0.67
C MET A 410 -0.39 0.61 -0.06
N LEU A 411 -0.81 1.67 -0.71
CA LEU A 411 -2.22 1.76 -1.24
C LEU A 411 -2.38 0.91 -2.54
#